data_7W8U
#
_entry.id   7W8U
#
_cell.length_a   49.540
_cell.length_b   44.940
_cell.length_c   80.420
_cell.angle_alpha   90.000
_cell.angle_beta   95.900
_cell.angle_gamma   90.000
#
_symmetry.space_group_name_H-M   'P 1 21 1'
#
loop_
_entity.id
_entity.type
_entity.pdbx_description
1 polymer '6-dimethylallyltryptophan synthase'
2 water water
#
_entity_poly.entity_id   1
_entity_poly.type   'polypeptide(L)'
_entity_poly.pdbx_seq_one_letter_code
;GSHLEPTQLGGLVTDQLARLCDVARLDRTDTETYVQTLATSLGTAAERSLALPPTTATLLSDDHTPVEYSLAFLPGATPA
LRVLVEPGWDSGDLAENGRAGLRAIRAMADRWNFSTDQLDLLEDLFFPVAPAGPFALWCALELRPGGVPGVKVYLNPAAR
GRDRRAETLREALDRLGHRQAFAALPPADDYPFLALDLGEWAAPRVKVYCTHESLSAQEAGEYSRLAAADGRDQTTDFFH
AVAGTDAGGTGQPSTRRALTCHSFTDTVTGRPSGFTLHMPVRSYVEHDGRARDRAADVLRRYGMDNDALDRALAAVTPRP
LDDGVGLVAYVALVHQLGRDPRVTVYVSSEAYAVQPPRTALATGPGIGR
;
_entity_poly.pdbx_strand_id   A
#
# COMPACT_ATOMS: atom_id res chain seq x y z
N GLY A 1 -19.39 5.66 15.84
CA GLY A 1 -18.93 7.03 15.95
C GLY A 1 -18.20 7.33 17.25
N SER A 2 -18.00 6.29 18.05
CA SER A 2 -17.37 6.45 19.35
C SER A 2 -15.85 6.44 19.22
N HIS A 3 -15.21 7.36 19.92
CA HIS A 3 -13.76 7.31 20.06
C HIS A 3 -13.36 6.13 20.94
N LEU A 4 -12.08 5.79 20.90
CA LEU A 4 -11.53 4.73 21.73
C LEU A 4 -10.36 5.28 22.54
N GLU A 5 -10.08 4.60 23.64
CA GLU A 5 -8.96 4.99 24.49
C GLU A 5 -7.64 4.81 23.74
N PRO A 6 -6.64 5.63 24.04
CA PRO A 6 -5.32 5.47 23.38
C PRO A 6 -4.63 4.17 23.72
N THR A 7 -5.10 3.43 24.74
CA THR A 7 -4.59 2.11 25.05
C THR A 7 -5.17 1.02 24.16
N GLN A 8 -6.10 1.38 23.27
CA GLN A 8 -6.70 0.44 22.33
C GLN A 8 -6.16 0.69 20.93
N LEU A 9 -6.10 -0.38 20.14
CA LEU A 9 -5.53 -0.28 18.80
C LEU A 9 -6.31 0.70 17.93
N GLY A 10 -7.64 0.61 17.98
CA GLY A 10 -8.45 1.52 17.18
C GLY A 10 -8.28 2.98 17.58
N GLY A 11 -8.12 3.23 18.88
CA GLY A 11 -7.91 4.59 19.34
C GLY A 11 -6.59 5.18 18.89
N LEU A 12 -5.55 4.36 18.81
CA LEU A 12 -4.24 4.86 18.39
C LEU A 12 -4.24 5.21 16.90
N VAL A 13 -4.77 4.31 16.06
CA VAL A 13 -4.69 4.54 14.62
C VAL A 13 -5.68 5.61 14.17
N THR A 14 -6.80 5.76 14.87
CA THR A 14 -7.73 6.84 14.52
C THR A 14 -7.17 8.20 14.92
N ASP A 15 -6.41 8.25 16.02
CA ASP A 15 -5.73 9.50 16.37
C ASP A 15 -4.68 9.85 15.33
N GLN A 16 -3.92 8.85 14.86
CA GLN A 16 -2.92 9.10 13.83
C GLN A 16 -3.57 9.54 12.53
N LEU A 17 -4.68 8.89 12.14
CA LEU A 17 -5.31 9.24 10.87
C LEU A 17 -5.95 10.62 10.92
N ALA A 18 -6.55 10.99 12.05
CA ALA A 18 -7.16 12.31 12.18
C ALA A 18 -6.11 13.40 12.01
N ARG A 19 -4.91 13.21 12.58
CA ARG A 19 -3.86 14.19 12.43
C ARG A 19 -3.27 14.17 11.02
N LEU A 20 -3.23 13.00 10.37
CA LEU A 20 -2.76 12.93 9.00
C LEU A 20 -3.73 13.60 8.04
N CYS A 21 -5.03 13.57 8.35
CA CYS A 21 -6.01 14.24 7.51
C CYS A 21 -5.82 15.75 7.51
N ASP A 22 -5.29 16.31 8.60
CA ASP A 22 -5.02 17.74 8.64
C ASP A 22 -3.81 18.08 7.79
N VAL A 23 -2.80 17.22 7.76
CA VAL A 23 -1.66 17.43 6.86
C VAL A 23 -2.12 17.37 5.42
N ALA A 24 -3.08 16.49 5.12
CA ALA A 24 -3.67 16.41 3.79
C ALA A 24 -4.72 17.51 3.55
N ARG A 25 -4.99 18.35 4.55
CA ARG A 25 -5.88 19.50 4.42
C ARG A 25 -7.30 19.08 4.03
N LEU A 26 -7.77 17.99 4.62
CA LEU A 26 -9.16 17.57 4.49
C LEU A 26 -10.00 18.27 5.55
N ASP A 27 -11.23 18.61 5.20
CA ASP A 27 -12.09 19.33 6.13
C ASP A 27 -12.58 18.38 7.23
N ARG A 28 -13.31 18.94 8.19
CA ARG A 28 -13.72 18.16 9.36
C ARG A 28 -14.72 17.07 8.99
N THR A 29 -15.58 17.33 8.00
CA THR A 29 -16.58 16.33 7.61
C THR A 29 -15.92 15.09 6.99
N ASP A 30 -15.00 15.31 6.04
CA ASP A 30 -14.31 14.18 5.42
C ASP A 30 -13.40 13.47 6.41
N THR A 31 -12.73 14.23 7.28
CA THR A 31 -11.89 13.61 8.31
C THR A 31 -12.72 12.71 9.22
N GLU A 32 -13.89 13.18 9.63
CA GLU A 32 -14.75 12.39 10.51
C GLU A 32 -15.26 11.14 9.79
N THR A 33 -15.57 11.26 8.50
CA THR A 33 -16.01 10.10 7.74
C THR A 33 -14.91 9.05 7.63
N TYR A 34 -13.67 9.49 7.40
CA TYR A 34 -12.59 8.54 7.14
C TYR A 34 -12.05 7.91 8.42
N VAL A 35 -12.03 8.63 9.53
CA VAL A 35 -11.58 8.04 10.79
C VAL A 35 -12.57 6.98 11.25
N GLN A 36 -13.87 7.21 11.03
CA GLN A 36 -14.87 6.21 11.37
C GLN A 36 -14.82 5.03 10.41
N THR A 37 -14.49 5.29 9.14
CA THR A 37 -14.37 4.19 8.18
C THR A 37 -13.23 3.26 8.55
N LEU A 38 -12.07 3.83 8.93
CA LEU A 38 -10.95 2.99 9.35
C LEU A 38 -11.28 2.24 10.64
N ALA A 39 -11.94 2.89 11.59
CA ALA A 39 -12.31 2.22 12.83
C ALA A 39 -13.30 1.08 12.56
N THR A 40 -14.28 1.32 11.68
CA THR A 40 -15.26 0.30 11.37
C THR A 40 -14.63 -0.88 10.63
N SER A 41 -13.73 -0.58 9.69
CA SER A 41 -13.12 -1.65 8.89
C SER A 41 -12.24 -2.57 9.71
N LEU A 42 -11.75 -2.12 10.87
CA LEU A 42 -10.95 -2.97 11.74
C LEU A 42 -11.79 -3.99 12.49
N GLY A 43 -13.10 -3.78 12.58
CA GLY A 43 -13.95 -4.72 13.30
C GLY A 43 -13.61 -4.74 14.78
N THR A 44 -13.55 -5.95 15.34
CA THR A 44 -13.22 -6.12 16.76
C THR A 44 -11.78 -5.76 17.07
N ALA A 45 -10.92 -5.61 16.05
CA ALA A 45 -9.54 -5.24 16.30
C ALA A 45 -9.43 -3.84 16.90
N ALA A 46 -10.43 -2.98 16.64
CA ALA A 46 -10.38 -1.61 17.14
C ALA A 46 -10.36 -1.57 18.66
N GLU A 47 -11.11 -2.47 19.30
CA GLU A 47 -11.22 -2.46 20.76
C GLU A 47 -10.08 -3.20 21.45
N ARG A 48 -9.21 -3.87 20.70
CA ARG A 48 -8.19 -4.71 21.31
C ARG A 48 -7.17 -3.86 22.07
N SER A 49 -6.83 -4.31 23.28
CA SER A 49 -5.83 -3.64 24.08
C SER A 49 -4.45 -3.77 23.43
N LEU A 50 -3.72 -2.66 23.40
CA LEU A 50 -2.39 -2.67 22.79
C LEU A 50 -1.36 -3.41 23.64
N ALA A 51 -1.66 -3.69 24.91
CA ALA A 51 -0.75 -4.47 25.73
C ALA A 51 -0.71 -5.93 25.28
N LEU A 52 -1.80 -6.42 24.70
CA LEU A 52 -1.83 -7.77 24.17
C LEU A 52 -0.95 -7.87 22.93
N PRO A 53 -0.45 -9.06 22.62
CA PRO A 53 0.28 -9.26 21.36
C PRO A 53 -0.63 -9.03 20.17
N PRO A 54 -0.08 -8.69 19.02
CA PRO A 54 -0.91 -8.58 17.82
C PRO A 54 -1.56 -9.92 17.48
N THR A 55 -2.85 -9.87 17.15
CA THR A 55 -3.60 -11.10 16.89
C THR A 55 -2.98 -11.88 15.74
N THR A 56 -2.60 -11.19 14.67
CA THR A 56 -2.00 -11.81 13.50
C THR A 56 -0.62 -11.19 13.25
N ALA A 57 0.39 -12.03 13.05
CA ALA A 57 1.73 -11.56 12.72
C ALA A 57 1.80 -11.17 11.24
N THR A 58 0.98 -10.17 10.89
CA THR A 58 0.79 -9.79 9.50
C THR A 58 2.04 -9.17 8.91
N LEU A 59 2.22 -9.36 7.60
CA LEU A 59 3.30 -8.73 6.86
C LEU A 59 2.96 -7.32 6.41
N LEU A 60 1.79 -6.81 6.76
CA LEU A 60 1.42 -5.45 6.36
C LEU A 60 2.40 -4.43 6.92
N SER A 61 2.89 -4.66 8.13
CA SER A 61 3.90 -3.81 8.75
C SER A 61 4.85 -4.66 9.56
N ASP A 62 6.01 -4.08 9.89
CA ASP A 62 7.04 -4.84 10.60
C ASP A 62 6.61 -5.23 12.00
N ASP A 63 5.92 -4.33 12.71
CA ASP A 63 5.43 -4.63 14.05
C ASP A 63 4.03 -5.24 14.03
N HIS A 64 3.54 -5.63 12.85
CA HIS A 64 2.29 -6.35 12.65
C HIS A 64 1.06 -5.50 12.99
N THR A 65 1.18 -4.18 12.88
CA THR A 65 0.01 -3.33 12.96
C THR A 65 -0.81 -3.50 11.69
N PRO A 66 -2.13 -3.68 11.78
CA PRO A 66 -2.94 -3.90 10.56
C PRO A 66 -3.27 -2.61 9.84
N VAL A 67 -2.43 -1.60 9.96
CA VAL A 67 -2.65 -0.29 9.34
C VAL A 67 -1.31 0.25 8.86
N GLU A 68 -1.29 0.81 7.65
CA GLU A 68 -0.14 1.53 7.12
C GLU A 68 -0.64 2.73 6.34
N TYR A 69 0.08 3.84 6.47
CA TYR A 69 -0.29 5.08 5.80
C TYR A 69 0.65 5.38 4.65
N SER A 70 0.17 6.18 3.70
CA SER A 70 0.98 6.61 2.57
C SER A 70 0.53 7.99 2.13
N LEU A 71 1.47 8.76 1.61
CA LEU A 71 1.21 10.11 1.12
C LEU A 71 1.81 10.25 -0.27
N ALA A 72 0.96 10.56 -1.25
CA ALA A 72 1.38 10.72 -2.64
C ALA A 72 1.65 12.19 -2.91
N PHE A 73 2.87 12.51 -3.30
CA PHE A 73 3.30 13.88 -3.52
C PHE A 73 3.32 14.18 -5.02
N LEU A 74 2.49 15.12 -5.44
CA LEU A 74 2.53 15.75 -6.75
C LEU A 74 3.25 17.09 -6.65
N PRO A 75 4.01 17.49 -7.67
CA PRO A 75 4.77 18.74 -7.57
C PRO A 75 3.85 19.94 -7.39
N GLY A 76 4.17 20.77 -6.41
CA GLY A 76 3.41 21.98 -6.14
C GLY A 76 2.08 21.78 -5.45
N ALA A 77 1.76 20.57 -5.02
CA ALA A 77 0.47 20.28 -4.40
C ALA A 77 0.69 19.63 -3.04
N THR A 78 -0.28 19.84 -2.16
CA THR A 78 -0.28 19.14 -0.88
C THR A 78 -0.54 17.65 -1.11
N PRO A 79 0.11 16.78 -0.34
CA PRO A 79 0.02 15.35 -0.63
C PRO A 79 -1.38 14.79 -0.43
N ALA A 80 -1.65 13.71 -1.14
CA ALA A 80 -2.89 12.96 -0.99
C ALA A 80 -2.66 11.82 0.00
N LEU A 81 -3.62 11.63 0.90
CA LEU A 81 -3.50 10.65 1.97
C LEU A 81 -4.22 9.36 1.61
N ARG A 82 -3.56 8.23 1.90
CA ARG A 82 -4.16 6.92 1.75
C ARG A 82 -3.85 6.09 2.99
N VAL A 83 -4.69 5.10 3.25
CA VAL A 83 -4.50 4.19 4.37
C VAL A 83 -4.71 2.76 3.89
N LEU A 84 -3.83 1.86 4.29
CA LEU A 84 -3.92 0.45 3.97
C LEU A 84 -4.31 -0.30 5.23
N VAL A 85 -5.32 -1.17 5.12
CA VAL A 85 -5.90 -1.82 6.29
C VAL A 85 -6.14 -3.30 5.98
N GLU A 86 -5.97 -4.13 7.00
CA GLU A 86 -6.28 -5.56 6.95
C GLU A 86 -7.53 -5.81 7.77
N PRO A 87 -8.71 -5.87 7.15
CA PRO A 87 -9.95 -5.94 7.95
C PRO A 87 -10.12 -7.24 8.72
N GLY A 88 -9.50 -8.34 8.30
CA GLY A 88 -9.67 -9.61 8.98
C GLY A 88 -8.53 -9.93 9.93
N TRP A 89 -7.82 -8.88 10.37
CA TRP A 89 -6.61 -9.07 11.17
C TRP A 89 -6.92 -9.76 12.50
N ASP A 90 -8.01 -9.38 13.15
CA ASP A 90 -8.36 -9.94 14.45
C ASP A 90 -9.17 -11.22 14.26
N SER A 91 -8.51 -12.23 13.69
CA SER A 91 -9.15 -13.49 13.39
C SER A 91 -8.20 -14.64 13.73
N GLY A 92 -8.75 -15.86 13.70
CA GLY A 92 -8.00 -17.04 14.10
C GLY A 92 -7.04 -17.57 13.06
N ASP A 93 -7.50 -17.70 11.82
CA ASP A 93 -6.68 -18.24 10.74
C ASP A 93 -6.89 -17.42 9.47
N LEU A 94 -6.25 -17.86 8.39
CA LEU A 94 -6.32 -17.12 7.13
C LEU A 94 -7.70 -17.22 6.49
N ALA A 95 -8.38 -18.35 6.65
CA ALA A 95 -9.73 -18.49 6.10
C ALA A 95 -10.69 -17.53 6.78
N GLU A 96 -10.63 -17.46 8.11
CA GLU A 96 -11.44 -16.48 8.83
C GLU A 96 -10.99 -15.06 8.50
N ASN A 97 -9.68 -14.86 8.32
CA ASN A 97 -9.17 -13.54 7.93
C ASN A 97 -9.75 -13.12 6.59
N GLY A 98 -9.76 -14.02 5.62
CA GLY A 98 -10.27 -13.67 4.30
C GLY A 98 -11.75 -13.39 4.28
N ARG A 99 -12.54 -14.18 5.02
CA ARG A 99 -13.98 -13.96 5.06
C ARG A 99 -14.30 -12.60 5.68
N ALA A 100 -13.61 -12.25 6.77
CA ALA A 100 -13.84 -10.95 7.39
C ALA A 100 -13.43 -9.81 6.48
N GLY A 101 -12.33 -9.99 5.74
CA GLY A 101 -11.91 -8.96 4.80
C GLY A 101 -12.92 -8.76 3.67
N LEU A 102 -13.49 -9.86 3.17
CA LEU A 102 -14.50 -9.76 2.13
C LEU A 102 -15.77 -9.10 2.65
N ARG A 103 -16.13 -9.37 3.91
CA ARG A 103 -17.31 -8.72 4.50
C ARG A 103 -17.13 -7.21 4.55
N ALA A 104 -15.94 -6.75 4.97
CA ALA A 104 -15.71 -5.31 5.06
C ALA A 104 -15.73 -4.66 3.69
N ILE A 105 -15.25 -5.36 2.67
CA ILE A 105 -15.28 -4.82 1.31
C ILE A 105 -16.73 -4.67 0.84
N ARG A 106 -17.57 -5.65 1.12
CA ARG A 106 -18.97 -5.58 0.71
C ARG A 106 -19.72 -4.48 1.45
N ALA A 107 -19.34 -4.20 2.70
CA ALA A 107 -19.95 -3.08 3.41
C ALA A 107 -19.58 -1.76 2.74
N MET A 108 -18.32 -1.62 2.31
CA MET A 108 -17.92 -0.44 1.55
C MET A 108 -18.63 -0.39 0.21
N ALA A 109 -18.82 -1.55 -0.43
CA ALA A 109 -19.48 -1.58 -1.73
C ALA A 109 -20.94 -1.16 -1.61
N ASP A 110 -21.63 -1.61 -0.56
CA ASP A 110 -23.02 -1.22 -0.38
C ASP A 110 -23.14 0.24 0.05
N ARG A 111 -22.15 0.74 0.80
CA ARG A 111 -22.24 2.12 1.29
C ARG A 111 -22.02 3.12 0.15
N TRP A 112 -21.05 2.87 -0.73
CA TRP A 112 -20.71 3.81 -1.78
C TRP A 112 -21.12 3.33 -3.17
N ASN A 113 -21.97 2.31 -3.25
CA ASN A 113 -22.66 1.93 -4.48
C ASN A 113 -21.69 1.60 -5.61
N PHE A 114 -20.85 0.60 -5.37
CA PHE A 114 -20.05 0.02 -6.44
C PHE A 114 -20.13 -1.50 -6.35
N SER A 115 -19.80 -2.14 -7.46
CA SER A 115 -19.99 -3.58 -7.62
C SER A 115 -18.74 -4.36 -7.23
N THR A 116 -18.98 -5.55 -6.67
CA THR A 116 -17.91 -6.50 -6.36
C THR A 116 -17.94 -7.72 -7.28
N ASP A 117 -18.59 -7.61 -8.43
CA ASP A 117 -18.68 -8.75 -9.35
C ASP A 117 -17.30 -9.20 -9.79
N GLN A 118 -16.40 -8.27 -10.11
CA GLN A 118 -15.05 -8.63 -10.50
C GLN A 118 -14.31 -9.32 -9.35
N LEU A 119 -14.62 -8.95 -8.11
CA LEU A 119 -14.03 -9.63 -6.97
C LEU A 119 -14.62 -11.02 -6.79
N ASP A 120 -15.94 -11.16 -6.98
CA ASP A 120 -16.56 -12.47 -6.89
C ASP A 120 -16.05 -13.41 -7.97
N LEU A 121 -15.64 -12.87 -9.11
CA LEU A 121 -15.13 -13.68 -10.21
C LEU A 121 -13.82 -14.38 -9.85
N LEU A 122 -13.06 -13.85 -8.90
CA LEU A 122 -11.76 -14.39 -8.54
C LEU A 122 -11.77 -15.08 -7.18
N GLU A 123 -12.94 -15.41 -6.65
CA GLU A 123 -13.04 -15.86 -5.26
C GLU A 123 -12.41 -17.24 -5.08
N ASP A 124 -12.59 -18.15 -6.03
CA ASP A 124 -11.98 -19.47 -5.92
C ASP A 124 -10.47 -19.42 -6.06
N LEU A 125 -9.93 -18.38 -6.70
CA LEU A 125 -8.48 -18.29 -6.90
C LEU A 125 -7.77 -17.78 -5.66
N PHE A 126 -8.34 -16.78 -4.99
CA PHE A 126 -7.66 -16.10 -3.89
C PHE A 126 -8.22 -16.41 -2.52
N PHE A 127 -9.30 -17.18 -2.43
CA PHE A 127 -9.89 -17.56 -1.15
C PHE A 127 -10.29 -19.02 -1.18
N PRO A 128 -9.31 -19.94 -1.25
CA PRO A 128 -9.64 -21.37 -1.23
C PRO A 128 -10.04 -21.82 0.16
N VAL A 129 -10.36 -23.12 0.31
CA VAL A 129 -10.87 -23.61 1.58
C VAL A 129 -9.78 -23.58 2.65
N ALA A 130 -8.55 -23.93 2.29
CA ALA A 130 -7.41 -23.91 3.20
C ALA A 130 -6.30 -23.08 2.56
N PRO A 131 -6.39 -21.76 2.67
CA PRO A 131 -5.44 -20.90 1.97
C PRO A 131 -4.05 -20.94 2.59
N ALA A 132 -3.06 -20.62 1.77
CA ALA A 132 -1.68 -20.45 2.23
C ALA A 132 -1.41 -18.97 2.45
N GLY A 133 -0.29 -18.70 3.13
CA GLY A 133 0.09 -17.34 3.45
C GLY A 133 0.57 -16.57 2.24
N PRO A 134 1.13 -15.36 2.46
CA PRO A 134 1.30 -14.77 3.79
C PRO A 134 0.14 -13.87 4.24
N PHE A 135 -0.84 -13.64 3.38
CA PHE A 135 -2.00 -12.82 3.75
C PHE A 135 -3.20 -13.26 2.93
N ALA A 136 -4.36 -12.69 3.28
CA ALA A 136 -5.61 -13.01 2.60
C ALA A 136 -6.21 -11.82 1.88
N LEU A 137 -6.35 -10.67 2.56
CA LEU A 137 -6.96 -9.51 1.93
C LEU A 137 -6.51 -8.25 2.65
N TRP A 138 -6.03 -7.28 1.88
CA TRP A 138 -5.78 -5.92 2.36
C TRP A 138 -6.63 -4.96 1.55
N CYS A 139 -6.96 -3.82 2.17
CA CYS A 139 -7.75 -2.79 1.51
C CYS A 139 -7.01 -1.46 1.60
N ALA A 140 -6.84 -0.80 0.45
CA ALA A 140 -6.23 0.51 0.38
C ALA A 140 -7.34 1.53 0.12
N LEU A 141 -7.44 2.53 0.99
CA LEU A 141 -8.47 3.56 0.90
C LEU A 141 -7.81 4.88 0.55
N GLU A 142 -8.12 5.40 -0.63
CA GLU A 142 -7.64 6.70 -1.09
C GLU A 142 -8.57 7.77 -0.52
N LEU A 143 -8.09 8.54 0.45
CA LEU A 143 -8.94 9.46 1.21
C LEU A 143 -9.09 10.76 0.45
N ARG A 144 -10.02 10.76 -0.51
CA ARG A 144 -10.27 11.90 -1.37
C ARG A 144 -11.18 12.92 -0.68
N PRO A 145 -11.05 14.19 -1.02
CA PRO A 145 -12.02 15.19 -0.55
C PRO A 145 -13.41 14.86 -1.05
N GLY A 146 -14.41 15.05 -0.18
CA GLY A 146 -15.79 14.76 -0.47
C GLY A 146 -16.35 13.60 0.32
N GLY A 147 -15.51 12.77 0.92
CA GLY A 147 -15.96 11.68 1.75
C GLY A 147 -16.12 10.35 1.05
N VAL A 148 -16.02 10.31 -0.28
CA VAL A 148 -16.13 9.07 -1.03
C VAL A 148 -14.73 8.60 -1.40
N PRO A 149 -14.20 7.58 -0.74
CA PRO A 149 -12.82 7.18 -0.98
C PRO A 149 -12.67 6.28 -2.20
N GLY A 150 -11.45 6.26 -2.73
CA GLY A 150 -11.10 5.28 -3.75
C GLY A 150 -10.67 3.99 -3.09
N VAL A 151 -11.20 2.87 -3.56
CA VAL A 151 -11.04 1.58 -2.91
C VAL A 151 -10.23 0.66 -3.81
N LYS A 152 -9.20 0.04 -3.23
CA LYS A 152 -8.43 -1.02 -3.87
C LYS A 152 -8.36 -2.21 -2.94
N VAL A 153 -8.50 -3.41 -3.51
CA VAL A 153 -8.38 -4.65 -2.77
C VAL A 153 -7.10 -5.35 -3.20
N TYR A 154 -6.35 -5.86 -2.23
CA TYR A 154 -5.09 -6.55 -2.49
C TYR A 154 -5.28 -8.04 -2.25
N LEU A 155 -4.86 -8.84 -3.22
CA LEU A 155 -5.07 -10.29 -3.19
C LEU A 155 -3.73 -11.01 -3.26
N ASN A 156 -3.73 -12.26 -2.81
CA ASN A 156 -2.51 -13.03 -2.67
C ASN A 156 -2.41 -14.10 -3.75
N PRO A 157 -1.55 -13.94 -4.75
CA PRO A 157 -1.40 -15.00 -5.77
C PRO A 157 -0.87 -16.32 -5.22
N ALA A 158 -0.37 -16.36 -3.99
CA ALA A 158 0.11 -17.58 -3.38
C ALA A 158 -0.94 -18.27 -2.51
N ALA A 159 -2.20 -17.85 -2.61
CA ALA A 159 -3.23 -18.35 -1.70
C ALA A 159 -3.46 -19.85 -1.87
N ARG A 160 -3.21 -20.38 -3.07
CA ARG A 160 -3.39 -21.80 -3.35
C ARG A 160 -2.06 -22.56 -3.34
N GLY A 161 -1.07 -22.05 -2.63
CA GLY A 161 0.24 -22.66 -2.60
C GLY A 161 1.25 -21.88 -3.42
N ARG A 162 2.51 -21.90 -2.96
CA ARG A 162 3.55 -21.13 -3.63
C ARG A 162 3.83 -21.65 -5.03
N ASP A 163 3.57 -22.93 -5.30
CA ASP A 163 3.82 -23.48 -6.63
C ASP A 163 2.83 -22.95 -7.66
N ARG A 164 1.70 -22.38 -7.23
CA ARG A 164 0.67 -21.91 -8.14
C ARG A 164 0.59 -20.39 -8.19
N ARG A 165 1.65 -19.70 -7.77
CA ARG A 165 1.66 -18.24 -7.78
C ARG A 165 1.43 -17.70 -9.20
N ALA A 166 2.23 -18.17 -10.16
CA ALA A 166 2.07 -17.71 -11.53
C ALA A 166 0.77 -18.22 -12.14
N GLU A 167 0.40 -19.47 -11.85
CA GLU A 167 -0.84 -20.03 -12.38
C GLU A 167 -2.05 -19.23 -11.89
N THR A 168 -2.07 -18.90 -10.60
CA THR A 168 -3.17 -18.11 -10.06
C THR A 168 -3.19 -16.70 -10.65
N LEU A 169 -2.03 -16.06 -10.73
CA LEU A 169 -1.95 -14.72 -11.29
C LEU A 169 -2.37 -14.71 -12.76
N ARG A 170 -1.90 -15.70 -13.54
CA ARG A 170 -2.25 -15.75 -14.95
C ARG A 170 -3.73 -16.03 -15.16
N GLU A 171 -4.33 -16.84 -14.28
CA GLU A 171 -5.76 -17.14 -14.41
C GLU A 171 -6.61 -15.93 -14.03
N ALA A 172 -6.20 -15.20 -13.00
CA ALA A 172 -6.95 -14.00 -12.59
C ALA A 172 -6.92 -12.94 -13.68
N LEU A 173 -5.74 -12.72 -14.29
CA LEU A 173 -5.65 -11.75 -15.38
C LEU A 173 -6.49 -12.17 -16.57
N ASP A 174 -6.57 -13.47 -16.83
CA ASP A 174 -7.39 -13.96 -17.94
C ASP A 174 -8.88 -13.71 -17.69
N ARG A 175 -9.34 -13.97 -16.46
CA ARG A 175 -10.76 -13.78 -16.15
C ARG A 175 -11.15 -12.31 -16.21
N LEU A 176 -10.22 -11.40 -15.91
CA LEU A 176 -10.48 -9.97 -15.93
C LEU A 176 -10.30 -9.36 -17.32
N GLY A 177 -10.04 -10.18 -18.33
CA GLY A 177 -9.87 -9.69 -19.69
C GLY A 177 -8.48 -9.21 -20.03
N HIS A 178 -7.53 -9.26 -19.09
CA HIS A 178 -6.16 -8.85 -19.34
C HIS A 178 -5.30 -10.05 -19.74
N ARG A 179 -5.68 -10.65 -20.88
CA ARG A 179 -5.06 -11.89 -21.32
C ARG A 179 -3.60 -11.71 -21.73
N GLN A 180 -3.17 -10.49 -22.04
CA GLN A 180 -1.81 -10.24 -22.50
C GLN A 180 -1.00 -9.40 -21.53
N ALA A 181 -1.54 -9.13 -20.34
CA ALA A 181 -0.83 -8.29 -19.38
C ALA A 181 0.37 -9.01 -18.78
N PHE A 182 0.25 -10.31 -18.53
CA PHE A 182 1.34 -11.06 -17.92
C PHE A 182 2.58 -11.06 -18.80
N ALA A 183 2.40 -10.99 -20.12
CA ALA A 183 3.53 -11.00 -21.03
C ALA A 183 4.39 -9.74 -20.89
N ALA A 184 3.80 -8.64 -20.45
CA ALA A 184 4.52 -7.39 -20.28
C ALA A 184 5.23 -7.28 -18.94
N LEU A 185 5.09 -8.27 -18.06
CA LEU A 185 5.71 -8.19 -16.75
C LEU A 185 7.20 -8.53 -16.84
N PRO A 186 8.05 -7.85 -16.08
CA PRO A 186 9.48 -8.12 -16.12
C PRO A 186 9.80 -9.42 -15.40
N PRO A 187 11.03 -9.92 -15.52
CA PRO A 187 11.44 -11.06 -14.68
C PRO A 187 11.33 -10.71 -13.22
N ALA A 188 10.88 -11.67 -12.42
CA ALA A 188 10.60 -11.42 -11.01
C ALA A 188 11.00 -12.64 -10.18
N ASP A 189 11.19 -12.39 -8.88
CA ASP A 189 11.41 -13.45 -7.92
C ASP A 189 10.14 -13.82 -7.15
N ASP A 190 9.11 -12.98 -7.22
CA ASP A 190 7.83 -13.27 -6.57
C ASP A 190 6.77 -12.36 -7.17
N TYR A 191 5.53 -12.83 -7.12
CA TYR A 191 4.37 -11.99 -7.42
C TYR A 191 3.58 -11.81 -6.12
N PRO A 192 3.96 -10.84 -5.28
CA PRO A 192 3.41 -10.79 -3.92
C PRO A 192 1.98 -10.26 -3.84
N PHE A 193 1.59 -9.36 -4.74
CA PHE A 193 0.28 -8.73 -4.64
C PHE A 193 -0.36 -8.58 -6.01
N LEU A 194 -1.68 -8.74 -6.05
CA LEU A 194 -2.51 -8.33 -7.18
C LEU A 194 -3.54 -7.33 -6.65
N ALA A 195 -3.44 -6.09 -7.10
CA ALA A 195 -4.34 -5.02 -6.66
C ALA A 195 -5.46 -4.85 -7.69
N LEU A 196 -6.69 -4.76 -7.21
CA LEU A 196 -7.86 -4.61 -8.05
C LEU A 196 -8.63 -3.36 -7.63
N ASP A 197 -8.86 -2.46 -8.59
CA ASP A 197 -9.62 -1.25 -8.32
C ASP A 197 -11.10 -1.57 -8.20
N LEU A 198 -11.74 -1.04 -7.17
CA LEU A 198 -13.18 -1.11 -7.00
C LEU A 198 -13.76 0.29 -7.08
N GLY A 199 -14.87 0.42 -7.78
CA GLY A 199 -15.51 1.71 -7.94
C GLY A 199 -16.26 1.78 -9.25
N GLU A 200 -16.11 2.92 -9.93
CA GLU A 200 -16.89 3.22 -11.13
C GLU A 200 -16.02 3.03 -12.36
N TRP A 201 -15.88 1.78 -12.78
CA TRP A 201 -15.25 1.43 -14.05
C TRP A 201 -16.05 0.30 -14.69
N ALA A 202 -16.38 0.48 -15.97
CA ALA A 202 -17.02 -0.59 -16.72
C ALA A 202 -16.05 -1.69 -17.13
N ALA A 203 -14.75 -1.47 -16.94
CA ALA A 203 -13.71 -2.43 -17.27
C ALA A 203 -12.73 -2.54 -16.11
N PRO A 204 -12.13 -3.71 -15.89
CA PRO A 204 -11.26 -3.91 -14.73
C PRO A 204 -9.91 -3.26 -14.91
N ARG A 205 -9.45 -2.60 -13.84
CA ARG A 205 -8.11 -2.03 -13.78
C ARG A 205 -7.32 -2.77 -12.70
N VAL A 206 -6.12 -3.24 -13.05
CA VAL A 206 -5.34 -4.09 -12.16
C VAL A 206 -3.93 -3.55 -12.04
N LYS A 207 -3.30 -3.85 -10.91
CA LYS A 207 -1.90 -3.53 -10.67
C LYS A 207 -1.20 -4.81 -10.22
N VAL A 208 -0.13 -5.19 -10.93
CA VAL A 208 0.64 -6.38 -10.63
C VAL A 208 1.96 -5.96 -10.02
N TYR A 209 2.28 -6.53 -8.86
CA TYR A 209 3.53 -6.25 -8.16
C TYR A 209 4.52 -7.38 -8.40
N CYS A 210 5.79 -7.01 -8.57
CA CYS A 210 6.86 -7.98 -8.78
C CYS A 210 7.97 -7.69 -7.77
N THR A 211 8.45 -8.74 -7.12
CA THR A 211 9.57 -8.62 -6.20
C THR A 211 10.88 -8.91 -6.92
N HIS A 212 11.88 -8.08 -6.67
CA HIS A 212 13.22 -8.27 -7.22
C HIS A 212 14.20 -8.32 -6.06
N GLU A 213 14.73 -9.50 -5.78
CA GLU A 213 15.62 -9.66 -4.62
C GLU A 213 16.92 -8.89 -4.79
N SER A 214 17.44 -8.80 -6.02
CA SER A 214 18.72 -8.16 -6.29
C SER A 214 18.56 -7.27 -7.53
N LEU A 215 17.82 -6.17 -7.36
CA LEU A 215 17.56 -5.24 -8.45
C LEU A 215 18.68 -4.21 -8.54
N SER A 216 19.16 -3.95 -9.74
CA SER A 216 20.14 -2.91 -9.99
C SER A 216 19.46 -1.67 -10.54
N ALA A 217 20.19 -0.55 -10.52
CA ALA A 217 19.68 0.67 -11.12
C ALA A 217 19.50 0.49 -12.62
N GLN A 218 20.39 -0.26 -13.26
CA GLN A 218 20.26 -0.52 -14.70
C GLN A 218 18.97 -1.24 -15.01
N GLU A 219 18.66 -2.29 -14.23
CA GLU A 219 17.43 -3.03 -14.47
C GLU A 219 16.20 -2.20 -14.13
N ALA A 220 16.28 -1.38 -13.09
CA ALA A 220 15.15 -0.53 -12.71
C ALA A 220 14.78 0.44 -13.82
N GLY A 221 15.79 1.04 -14.47
CA GLY A 221 15.52 1.91 -15.59
C GLY A 221 14.97 1.16 -16.79
N GLU A 222 15.45 -0.07 -17.02
CA GLU A 222 14.96 -0.86 -18.14
C GLU A 222 13.50 -1.25 -17.95
N TYR A 223 13.12 -1.61 -16.71
CA TYR A 223 11.74 -1.99 -16.45
C TYR A 223 10.79 -0.80 -16.46
N SER A 224 11.32 0.42 -16.38
CA SER A 224 10.49 1.62 -16.26
C SER A 224 9.84 2.05 -17.57
N ARG A 225 10.29 1.50 -18.70
CA ARG A 225 9.80 1.94 -20.00
C ARG A 225 8.31 1.63 -20.14
N LEU A 226 7.51 2.67 -20.40
CA LEU A 226 6.08 2.51 -20.58
C LEU A 226 5.71 2.57 -22.06
N ASP A 230 9.10 6.40 -20.09
CA ASP A 230 9.63 7.55 -20.81
C ASP A 230 10.87 8.09 -20.10
N GLY A 231 10.80 8.15 -18.77
CA GLY A 231 11.90 8.68 -17.98
C GLY A 231 12.76 7.62 -17.33
N ARG A 232 13.76 7.12 -18.06
CA ARG A 232 14.68 6.13 -17.50
C ARG A 232 15.67 6.78 -16.54
N ASP A 233 16.12 7.99 -16.86
CA ASP A 233 17.11 8.66 -16.01
C ASP A 233 16.53 9.01 -14.65
N GLN A 234 15.25 9.43 -14.61
CA GLN A 234 14.62 9.73 -13.34
C GLN A 234 14.50 8.48 -12.47
N THR A 235 14.18 7.34 -13.10
CA THR A 235 14.08 6.10 -12.34
C THR A 235 15.45 5.67 -11.81
N THR A 236 16.50 5.80 -12.62
CA THR A 236 17.83 5.43 -12.17
C THR A 236 18.33 6.37 -11.07
N ASP A 237 18.09 7.68 -11.23
CA ASP A 237 18.48 8.62 -10.18
C ASP A 237 17.70 8.37 -8.90
N PHE A 238 16.42 8.04 -9.02
CA PHE A 238 15.63 7.70 -7.84
C PHE A 238 16.18 6.46 -7.15
N PHE A 239 16.66 5.49 -7.94
CA PHE A 239 17.26 4.29 -7.36
C PHE A 239 18.50 4.64 -6.55
N HIS A 240 19.42 5.39 -7.14
CA HIS A 240 20.66 5.72 -6.45
C HIS A 240 20.43 6.60 -5.24
N ALA A 241 19.44 7.50 -5.30
CA ALA A 241 19.19 8.39 -4.17
C ALA A 241 18.61 7.65 -2.97
N VAL A 242 17.64 6.78 -3.22
CA VAL A 242 16.96 6.10 -2.11
C VAL A 242 17.81 4.93 -1.59
N ALA A 243 18.50 4.21 -2.47
CA ALA A 243 19.33 3.10 -2.04
C ALA A 243 20.61 3.54 -1.38
N GLY A 244 21.06 4.77 -1.62
CA GLY A 244 22.31 5.23 -1.06
C GLY A 244 23.54 4.57 -1.66
N THR A 245 23.47 4.22 -2.94
CA THR A 245 24.59 3.55 -3.61
C THR A 245 25.66 4.55 -4.03
N PRO A 253 27.24 -1.52 -2.95
CA PRO A 253 26.35 -2.70 -2.86
C PRO A 253 25.72 -3.05 -4.21
N SER A 254 25.60 -2.05 -5.09
CA SER A 254 25.18 -2.25 -6.47
C SER A 254 23.72 -2.71 -6.62
N THR A 255 23.31 -3.71 -5.85
CA THR A 255 21.98 -4.27 -5.96
C THR A 255 21.21 -4.11 -4.66
N ARG A 256 19.90 -3.96 -4.77
CA ARG A 256 19.02 -3.80 -3.61
C ARG A 256 17.74 -4.59 -3.84
N ARG A 257 17.09 -4.95 -2.75
CA ARG A 257 15.77 -5.55 -2.81
C ARG A 257 14.72 -4.47 -3.05
N ALA A 258 13.86 -4.68 -4.04
CA ALA A 258 12.87 -3.68 -4.39
C ALA A 258 11.71 -4.34 -5.09
N LEU A 259 10.58 -3.63 -5.13
CA LEU A 259 9.38 -4.08 -5.82
C LEU A 259 9.06 -3.13 -6.96
N THR A 260 8.55 -3.69 -8.05
CA THR A 260 8.01 -2.92 -9.16
C THR A 260 6.52 -3.18 -9.27
N CYS A 261 5.77 -2.14 -9.62
CA CYS A 261 4.33 -2.24 -9.81
C CYS A 261 3.98 -1.85 -11.24
N HIS A 262 3.08 -2.61 -11.85
CA HIS A 262 2.73 -2.43 -13.25
C HIS A 262 1.21 -2.37 -13.36
N SER A 263 0.70 -1.20 -13.75
CA SER A 263 -0.73 -0.93 -13.77
C SER A 263 -1.26 -1.06 -15.18
N PHE A 264 -2.33 -1.82 -15.33
CA PHE A 264 -3.00 -2.01 -16.61
C PHE A 264 -4.42 -1.45 -16.50
N THR A 265 -4.74 -0.48 -17.34
CA THR A 265 -6.05 0.18 -17.30
C THR A 265 -6.89 -0.07 -18.54
N ASP A 266 -6.36 -0.79 -19.53
CA ASP A 266 -7.14 -1.21 -20.69
C ASP A 266 -6.82 -2.66 -21.00
N THR A 267 -7.73 -3.30 -21.74
CA THR A 267 -7.56 -4.68 -22.15
C THR A 267 -7.23 -4.83 -23.63
N VAL A 268 -6.85 -3.73 -24.29
CA VAL A 268 -6.68 -3.73 -25.74
C VAL A 268 -5.24 -4.06 -26.13
N THR A 269 -4.29 -3.28 -25.62
CA THR A 269 -2.91 -3.36 -26.09
C THR A 269 -2.10 -4.45 -25.39
N GLY A 270 -2.43 -4.78 -24.15
CA GLY A 270 -1.57 -5.64 -23.36
C GLY A 270 -0.36 -4.97 -22.77
N ARG A 271 -0.23 -3.66 -22.93
CA ARG A 271 0.81 -2.79 -22.41
C ARG A 271 0.36 -2.12 -21.13
N PRO A 272 1.25 -1.94 -20.16
CA PRO A 272 0.88 -1.23 -18.93
C PRO A 272 0.79 0.27 -19.16
N SER A 273 -0.03 0.91 -18.34
CA SER A 273 -0.17 2.36 -18.35
C SER A 273 0.57 3.02 -17.19
N GLY A 274 1.03 2.25 -16.21
CA GLY A 274 1.73 2.82 -15.08
C GLY A 274 2.87 1.93 -14.64
N PHE A 275 3.92 2.57 -14.13
CA PHE A 275 5.08 1.89 -13.57
C PHE A 275 5.44 2.54 -12.25
N THR A 276 5.75 1.71 -11.25
CA THR A 276 6.12 2.20 -9.93
C THR A 276 7.33 1.42 -9.42
N LEU A 277 8.38 2.15 -9.05
CA LEU A 277 9.53 1.57 -8.38
C LEU A 277 9.34 1.74 -6.88
N HIS A 278 9.22 0.62 -6.16
CA HIS A 278 8.82 0.58 -4.76
C HIS A 278 10.02 0.11 -3.94
N MET A 279 10.72 1.05 -3.29
CA MET A 279 11.98 0.76 -2.64
C MET A 279 11.85 0.79 -1.12
N PRO A 280 12.16 -0.30 -0.43
CA PRO A 280 12.12 -0.29 1.04
C PRO A 280 13.32 0.42 1.65
N VAL A 281 13.21 1.75 1.80
CA VAL A 281 14.31 2.53 2.33
C VAL A 281 14.64 2.15 3.77
N ARG A 282 13.69 1.58 4.50
CA ARG A 282 13.95 1.21 5.89
C ARG A 282 15.02 0.13 6.01
N SER A 283 15.13 -0.72 4.99
CA SER A 283 16.13 -1.79 5.01
C SER A 283 17.52 -1.32 4.60
N TYR A 284 17.66 -0.06 4.19
CA TYR A 284 18.93 0.45 3.69
C TYR A 284 19.66 1.34 4.68
N VAL A 285 18.93 2.13 5.46
CA VAL A 285 19.53 3.15 6.31
C VAL A 285 19.68 2.62 7.73
N GLU A 286 20.36 3.39 8.57
CA GLU A 286 20.57 3.00 9.96
C GLU A 286 19.38 3.36 10.84
N HIS A 287 18.79 4.53 10.63
CA HIS A 287 17.66 4.98 11.41
C HIS A 287 16.76 5.86 10.54
N ASP A 288 15.62 6.26 11.10
CA ASP A 288 14.63 7.03 10.33
C ASP A 288 15.09 8.45 10.04
N GLY A 289 16.12 8.94 10.73
CA GLY A 289 16.68 10.23 10.38
C GLY A 289 17.25 10.24 8.97
N ARG A 290 17.94 9.16 8.58
CA ARG A 290 18.49 9.07 7.24
C ARG A 290 17.42 8.69 6.22
N ALA A 291 16.46 7.86 6.61
CA ALA A 291 15.36 7.52 5.70
C ALA A 291 14.55 8.75 5.35
N ARG A 292 14.24 9.58 6.35
CA ARG A 292 13.54 10.84 6.08
C ARG A 292 14.39 11.75 5.22
N ASP A 293 15.70 11.80 5.48
CA ASP A 293 16.59 12.67 4.71
C ASP A 293 16.57 12.31 3.23
N ARG A 294 16.64 11.01 2.91
CA ARG A 294 16.62 10.61 1.52
C ARG A 294 15.26 10.87 0.88
N ALA A 295 14.18 10.62 1.62
CA ALA A 295 12.85 10.94 1.11
C ALA A 295 12.68 12.44 0.92
N ALA A 296 13.24 13.24 1.83
CA ALA A 296 13.14 14.69 1.71
C ALA A 296 13.94 15.20 0.51
N ASP A 297 15.10 14.61 0.27
CA ASP A 297 15.92 15.04 -0.88
C ASP A 297 15.20 14.75 -2.20
N VAL A 298 14.49 13.62 -2.27
CA VAL A 298 13.77 13.28 -3.49
C VAL A 298 12.58 14.22 -3.68
N LEU A 299 11.78 14.41 -2.63
CA LEU A 299 10.64 15.31 -2.72
C LEU A 299 11.08 16.72 -3.09
N ARG A 300 12.21 17.18 -2.55
CA ARG A 300 12.65 18.55 -2.76
C ARG A 300 13.17 18.75 -4.18
N ARG A 301 14.01 17.83 -4.66
CA ARG A 301 14.56 17.95 -6.00
C ARG A 301 13.50 17.77 -7.09
N TYR A 302 12.38 17.12 -6.76
CA TYR A 302 11.27 16.97 -7.69
C TYR A 302 10.24 18.09 -7.54
N GLY A 303 10.53 19.10 -6.73
CA GLY A 303 9.62 20.21 -6.55
C GLY A 303 8.38 19.89 -5.76
N MET A 304 8.48 19.01 -4.77
CA MET A 304 7.33 18.55 -4.00
C MET A 304 7.37 19.09 -2.58
N ASP A 305 6.29 18.83 -1.84
CA ASP A 305 6.06 19.44 -0.53
C ASP A 305 6.72 18.60 0.55
N ASN A 306 8.04 18.78 0.69
CA ASN A 306 8.78 18.03 1.70
C ASN A 306 8.45 18.50 3.12
N ASP A 307 7.94 19.72 3.29
CA ASP A 307 7.53 20.18 4.61
C ASP A 307 6.35 19.36 5.14
N ALA A 308 5.45 18.95 4.24
CA ALA A 308 4.31 18.14 4.66
C ALA A 308 4.75 16.75 5.13
N LEU A 309 5.87 16.25 4.60
CA LEU A 309 6.38 14.96 5.05
C LEU A 309 6.77 15.01 6.52
N ASP A 310 7.50 16.05 6.92
CA ASP A 310 7.89 16.18 8.33
C ASP A 310 6.67 16.34 9.22
N ARG A 311 5.68 17.12 8.79
CA ARG A 311 4.47 17.27 9.58
C ARG A 311 3.69 15.97 9.64
N ALA A 312 3.72 15.16 8.58
CA ALA A 312 3.05 13.86 8.62
C ALA A 312 3.75 12.91 9.58
N LEU A 313 5.09 12.91 9.58
CA LEU A 313 5.84 12.06 10.49
C LEU A 313 5.56 12.45 11.95
N ALA A 314 5.53 13.75 12.23
CA ALA A 314 5.18 14.20 13.58
C ALA A 314 3.72 13.88 13.91
N ALA A 315 2.86 13.82 12.89
CA ALA A 315 1.46 13.49 13.13
C ALA A 315 1.29 12.04 13.54
N VAL A 316 2.20 11.16 13.11
CA VAL A 316 2.10 9.74 13.43
C VAL A 316 2.74 9.44 14.79
N THR A 317 3.90 10.03 15.08
CA THR A 317 4.60 9.74 16.32
C THR A 317 5.46 10.94 16.73
N PRO A 318 5.59 11.21 18.02
CA PRO A 318 6.44 12.32 18.48
C PRO A 318 7.88 11.94 18.78
N ARG A 319 8.27 10.69 18.55
CA ARG A 319 9.61 10.27 18.93
C ARG A 319 10.66 10.89 18.00
N PRO A 320 11.90 11.03 18.47
CA PRO A 320 12.98 11.46 17.56
C PRO A 320 13.20 10.42 16.47
N LEU A 321 13.47 10.91 15.26
CA LEU A 321 13.63 10.02 14.12
C LEU A 321 14.87 9.15 14.25
N ASP A 322 15.91 9.65 14.91
CA ASP A 322 17.13 8.86 15.08
C ASP A 322 16.97 7.73 16.09
N ASP A 323 15.89 7.71 16.86
CA ASP A 323 15.68 6.69 17.88
C ASP A 323 15.19 5.36 17.31
N GLY A 324 15.04 5.24 16.00
CA GLY A 324 14.57 3.99 15.43
C GLY A 324 14.57 4.05 13.93
N VAL A 325 14.27 2.90 13.32
CA VAL A 325 14.17 2.75 11.89
C VAL A 325 12.85 2.06 11.58
N GLY A 326 12.27 2.39 10.42
CA GLY A 326 11.05 1.76 9.96
C GLY A 326 9.85 2.67 9.90
N LEU A 327 9.91 3.87 10.47
CA LEU A 327 8.80 4.81 10.35
C LEU A 327 8.58 5.18 8.88
N VAL A 328 9.66 5.49 8.17
CA VAL A 328 9.61 5.66 6.72
C VAL A 328 9.86 4.27 6.15
N ALA A 329 8.78 3.54 5.86
CA ALA A 329 8.91 2.16 5.42
C ALA A 329 9.35 2.08 3.96
N TYR A 330 8.67 2.78 3.07
CA TYR A 330 8.94 2.71 1.65
C TYR A 330 8.94 4.10 1.04
N VAL A 331 9.69 4.25 -0.05
CA VAL A 331 9.62 5.43 -0.91
C VAL A 331 9.45 4.93 -2.34
N ALA A 332 8.42 5.41 -3.02
CA ALA A 332 8.05 4.91 -4.34
C ALA A 332 8.03 6.05 -5.35
N LEU A 333 8.43 5.73 -6.59
CA LEU A 333 8.36 6.64 -7.72
C LEU A 333 7.30 6.12 -8.67
N VAL A 334 6.25 6.92 -8.88
CA VAL A 334 5.09 6.51 -9.67
C VAL A 334 5.13 7.23 -11.02
N HIS A 335 5.21 6.46 -12.10
CA HIS A 335 5.16 6.98 -13.45
C HIS A 335 3.88 6.50 -14.12
N GLN A 336 3.13 7.44 -14.70
CA GLN A 336 1.87 7.13 -15.36
C GLN A 336 1.79 7.92 -16.66
N LEU A 337 1.36 7.25 -17.73
CA LEU A 337 1.29 7.90 -19.04
C LEU A 337 0.32 9.08 -18.99
N GLY A 338 0.78 10.22 -19.53
CA GLY A 338 -0.02 11.42 -19.52
C GLY A 338 -0.18 12.07 -18.17
N ARG A 339 0.71 11.76 -17.22
CA ARG A 339 0.65 12.29 -15.88
C ARG A 339 2.04 12.74 -15.44
N ASP A 340 2.07 13.71 -14.54
CA ASP A 340 3.33 14.12 -13.94
C ASP A 340 3.82 13.04 -12.97
N PRO A 341 5.13 12.89 -12.82
CA PRO A 341 5.64 11.91 -11.85
C PRO A 341 5.19 12.24 -10.44
N ARG A 342 5.02 11.20 -9.64
CA ARG A 342 4.60 11.34 -8.25
C ARG A 342 5.48 10.48 -7.36
N VAL A 343 5.78 10.99 -6.18
CA VAL A 343 6.55 10.26 -5.17
C VAL A 343 5.64 9.96 -4.00
N THR A 344 5.62 8.70 -3.58
CA THR A 344 4.79 8.25 -2.47
C THR A 344 5.68 7.78 -1.33
N VAL A 345 5.39 8.27 -0.13
CA VAL A 345 6.12 7.89 1.07
C VAL A 345 5.18 7.09 1.96
N TYR A 346 5.57 5.86 2.29
CA TYR A 346 4.78 5.00 3.16
C TYR A 346 5.26 5.15 4.60
N VAL A 347 4.32 5.37 5.50
CA VAL A 347 4.62 5.71 6.89
C VAL A 347 4.00 4.66 7.80
N SER A 348 4.83 4.05 8.64
CA SER A 348 4.37 3.00 9.53
C SER A 348 3.60 3.59 10.72
N SER A 349 2.66 2.81 11.24
CA SER A 349 1.92 3.22 12.41
C SER A 349 2.73 3.06 13.70
N GLU A 350 3.55 2.01 13.77
CA GLU A 350 4.35 1.70 14.96
C GLU A 350 3.47 1.63 16.21
N ALA A 351 2.31 0.98 16.06
CA ALA A 351 1.38 0.85 17.18
C ALA A 351 1.91 -0.10 18.24
N TYR A 352 2.77 -1.04 17.87
CA TYR A 352 3.28 -2.04 18.81
C TYR A 352 4.75 -1.87 19.15
N ALA A 353 5.59 -1.48 18.20
CA ALA A 353 7.01 -1.42 18.48
C ALA A 353 7.70 -0.48 17.50
N VAL A 354 8.79 0.11 17.96
CA VAL A 354 9.71 0.88 17.12
C VAL A 354 10.96 0.02 16.91
N GLN A 355 11.25 -0.30 15.66
CA GLN A 355 12.41 -1.13 15.36
C GLN A 355 13.69 -0.39 15.74
N PRO A 356 14.62 -1.04 16.44
CA PRO A 356 15.81 -0.33 16.89
C PRO A 356 16.72 0.00 15.72
N PRO A 357 17.53 1.06 15.84
CA PRO A 357 18.48 1.47 14.79
C PRO A 357 19.52 0.40 14.50
#